data_7MHW
#
_entry.id   7MHW
#
_cell.length_a   141.670
_cell.length_b   141.670
_cell.length_c   132.217
_cell.angle_alpha   90.000
_cell.angle_beta   90.000
_cell.angle_gamma   90.000
#
_symmetry.space_group_name_H-M   'I 41 2 2'
#
loop_
_entity.id
_entity.type
_entity.pdbx_description
1 polymer 'Maltose/maltodextrin-binding periplasmic protein,Outer membrane lipoprotein omp19'
2 non-polymer 'SULFATE ION'
3 water water
#
_entity_poly.entity_id   1
_entity_poly.type   'polypeptide(L)'
_entity_poly.pdbx_seq_one_letter_code
;MKIEEGKLVIWINGDKGYNGLAEVGKKFEKDTGIKVTVEHPDKLEEKFPQVAATGDGPDIIFWAHDRFGGYAQSGLLAEI
TPAAAFQDKLYPFTWDAVRYNGKLIAYPIAVEALSLIYNKDLLPNPPKTWEEIPALDKELKAKGKSALMFNLQEPYFTWP
LIAADGGYAFKYENGKYDIKDVGVDNAGAKAGLTFLVDLIKNKHMNADTDYSIAEAAFNKGETAMTINGPWAWSNIDTSA
VNYGVTVLPTFKGQPSKPFVGVLSAGINAASPNKELAKEFLENYLLTDEGLEAVNKDKPLGAVALKSYEEELAKDPRIAA
TMENAQKGEIMPNIPQMSAFWYAVRTAVINAASGRQTVDAALAAAQTNAAAMASLPPASAPDLTPGAVAGVWNASLGGQS
CKIATPQTKYGQGYRAGPLRCPGELANLASWAVNGKQLVLYDANGGTVASLYSSGQGRFDGQTTGGQAVTLSRLEHHHHH
H
;
_entity_poly.pdbx_strand_id   A
#
# COMPACT_ATOMS: atom_id res chain seq x y z
N LYS A 2 23.12 -22.54 3.53
CA LYS A 2 22.62 -21.79 4.68
C LYS A 2 23.10 -20.34 4.63
N ILE A 3 23.07 -19.65 5.78
CA ILE A 3 23.06 -18.19 5.80
C ILE A 3 24.44 -17.58 6.08
N GLU A 4 25.45 -18.38 6.43
CA GLU A 4 26.83 -17.93 6.59
C GLU A 4 27.03 -17.08 7.83
N GLU A 5 27.78 -17.60 8.79
CA GLU A 5 28.00 -16.96 10.09
C GLU A 5 29.15 -15.98 10.02
N GLY A 6 28.99 -14.84 10.70
CA GLY A 6 30.00 -13.82 10.75
C GLY A 6 29.79 -12.66 9.82
N LYS A 7 28.73 -12.67 9.04
CA LYS A 7 28.43 -11.61 8.07
C LYS A 7 26.95 -11.30 8.14
N LEU A 8 26.59 -10.07 7.77
CA LEU A 8 25.20 -9.63 7.75
C LEU A 8 24.78 -9.41 6.30
N VAL A 9 23.70 -10.07 5.90
CA VAL A 9 23.07 -9.87 4.59
C VAL A 9 21.72 -9.22 4.82
N ILE A 10 21.48 -8.10 4.14
CA ILE A 10 20.27 -7.31 4.32
C ILE A 10 19.55 -7.20 2.98
N TRP A 11 18.24 -7.44 3.01
CA TRP A 11 17.37 -7.22 1.86
C TRP A 11 16.47 -6.02 2.12
N ILE A 12 16.37 -5.13 1.14
CA ILE A 12 15.51 -3.96 1.22
C ILE A 12 15.07 -3.66 -0.21
N ASN A 13 13.90 -3.05 -0.35
CA ASN A 13 13.38 -2.86 -1.70
C ASN A 13 14.21 -1.82 -2.45
N GLY A 14 14.17 -1.92 -3.79
CA GLY A 14 14.97 -1.06 -4.64
C GLY A 14 14.56 0.41 -4.63
N ASP A 15 13.33 0.70 -4.21
CA ASP A 15 12.86 2.08 -4.08
C ASP A 15 13.21 2.69 -2.72
N LYS A 16 14.24 2.17 -2.07
CA LYS A 16 14.70 2.67 -0.77
C LYS A 16 16.17 3.07 -0.88
N GLY A 17 16.61 3.87 0.09
CA GLY A 17 18.00 4.29 0.10
C GLY A 17 18.94 3.19 0.53
N TYR A 18 19.17 2.20 -0.34
CA TYR A 18 20.01 1.07 0.06
C TYR A 18 21.48 1.45 0.10
N ASN A 19 21.91 2.43 -0.70
CA ASN A 19 23.29 2.90 -0.62
C ASN A 19 23.54 3.61 0.70
N GLY A 20 22.56 4.38 1.19
CA GLY A 20 22.67 4.94 2.52
C GLY A 20 22.71 3.86 3.60
N LEU A 21 21.87 2.83 3.45
CA LEU A 21 21.92 1.70 4.37
C LEU A 21 23.29 1.03 4.33
N ALA A 22 23.87 0.91 3.13
CA ALA A 22 25.19 0.30 3.01
C ALA A 22 26.24 1.15 3.71
N GLU A 23 26.07 2.48 3.69
CA GLU A 23 26.96 3.37 4.45
C GLU A 23 26.99 2.96 5.91
N VAL A 24 25.82 2.91 6.54
CA VAL A 24 25.72 2.46 7.94
C VAL A 24 26.35 1.09 8.10
N GLY A 25 26.20 0.23 7.09
CA GLY A 25 26.81 -1.09 7.16
C GLY A 25 28.32 -1.03 7.22
N LYS A 26 28.93 -0.04 6.57
CA LYS A 26 30.39 0.06 6.59
C LYS A 26 30.89 0.66 7.89
N LYS A 27 30.15 1.62 8.46
CA LYS A 27 30.47 2.09 9.80
C LYS A 27 30.43 0.95 10.81
N PHE A 28 29.50 0.00 10.60
CA PHE A 28 29.43 -1.18 11.46
C PHE A 28 30.58 -2.14 11.18
N GLU A 29 31.03 -2.21 9.93
CA GLU A 29 32.16 -3.07 9.61
C GLU A 29 33.47 -2.55 10.19
N LYS A 30 33.57 -1.23 10.39
CA LYS A 30 34.81 -0.67 10.89
C LYS A 30 34.95 -0.92 12.39
N ASP A 31 33.85 -0.85 13.14
CA ASP A 31 33.89 -1.03 14.58
C ASP A 31 33.92 -2.50 15.00
N THR A 32 33.43 -3.42 14.15
CA THR A 32 33.34 -4.82 14.52
C THR A 32 34.03 -5.78 13.56
N GLY A 33 34.38 -5.35 12.35
CA GLY A 33 34.87 -6.27 11.35
C GLY A 33 33.80 -7.09 10.67
N ILE A 34 32.54 -6.97 11.10
CA ILE A 34 31.44 -7.71 10.48
C ILE A 34 31.03 -7.03 9.20
N LYS A 35 31.04 -7.79 8.10
CA LYS A 35 30.70 -7.26 6.79
C LYS A 35 29.18 -7.19 6.63
N VAL A 36 28.70 -6.08 6.06
CA VAL A 36 27.27 -5.86 5.86
C VAL A 36 27.01 -5.69 4.37
N THR A 37 26.41 -6.72 3.75
CA THR A 37 26.05 -6.68 2.34
C THR A 37 24.58 -6.31 2.21
N VAL A 38 24.30 -5.25 1.45
CA VAL A 38 22.94 -4.75 1.25
C VAL A 38 22.52 -5.11 -0.16
N GLU A 39 21.41 -5.84 -0.27
CA GLU A 39 20.88 -6.27 -1.56
C GLU A 39 19.43 -5.83 -1.68
N HIS A 40 19.00 -5.63 -2.93
CA HIS A 40 17.61 -5.25 -3.23
C HIS A 40 17.06 -6.17 -4.30
N PRO A 41 16.84 -7.44 -3.97
CA PRO A 41 16.38 -8.39 -4.99
C PRO A 41 15.01 -8.04 -5.52
N ASP A 42 14.70 -8.62 -6.68
CA ASP A 42 13.39 -8.44 -7.30
C ASP A 42 12.36 -9.26 -6.55
N LYS A 43 11.23 -8.65 -6.22
CA LYS A 43 10.13 -9.34 -5.55
C LYS A 43 10.61 -9.97 -4.24
N LEU A 44 11.31 -9.16 -3.43
CA LEU A 44 11.94 -9.72 -2.24
C LEU A 44 10.93 -10.15 -1.19
N GLU A 45 9.78 -9.50 -1.14
CA GLU A 45 8.76 -9.83 -0.14
C GLU A 45 8.15 -11.21 -0.34
N GLU A 46 8.35 -11.83 -1.49
CA GLU A 46 7.88 -13.19 -1.70
C GLU A 46 8.99 -14.19 -1.99
N LYS A 47 10.22 -13.73 -2.22
CA LYS A 47 11.35 -14.65 -2.17
C LYS A 47 11.69 -15.00 -0.73
N PHE A 48 11.66 -14.02 0.17
CA PHE A 48 12.01 -14.24 1.57
C PHE A 48 11.24 -15.37 2.23
N PRO A 49 9.91 -15.45 2.15
CA PRO A 49 9.22 -16.60 2.77
C PRO A 49 9.66 -17.94 2.18
N GLN A 50 9.96 -17.97 0.88
CA GLN A 50 10.38 -19.23 0.26
C GLN A 50 11.73 -19.69 0.79
N VAL A 51 12.69 -18.77 0.90
CA VAL A 51 14.04 -19.16 1.30
C VAL A 51 14.14 -19.34 2.81
N ALA A 52 13.47 -18.49 3.58
CA ALA A 52 13.56 -18.58 5.04
C ALA A 52 12.97 -19.89 5.54
N ALA A 53 11.91 -20.36 4.89
CA ALA A 53 11.28 -21.63 5.25
C ALA A 53 12.20 -22.82 4.99
N THR A 54 13.27 -22.64 4.22
CA THR A 54 14.25 -23.69 3.95
C THR A 54 15.60 -23.35 4.56
N GLY A 55 15.59 -22.58 5.64
CA GLY A 55 16.81 -22.25 6.36
C GLY A 55 17.83 -21.45 5.58
N ASP A 56 17.39 -20.51 4.74
CA ASP A 56 18.30 -19.64 4.00
C ASP A 56 17.64 -18.27 3.86
N GLY A 57 18.33 -17.37 3.15
CA GLY A 57 17.86 -16.03 2.95
C GLY A 57 18.76 -15.00 3.60
N PRO A 58 18.31 -13.76 3.66
CA PRO A 58 19.11 -12.71 4.28
C PRO A 58 19.08 -12.83 5.80
N ASP A 59 19.95 -12.07 6.45
CA ASP A 59 19.89 -11.98 7.91
C ASP A 59 18.82 -11.00 8.35
N ILE A 60 18.68 -9.89 7.63
CA ILE A 60 17.66 -8.88 7.91
C ILE A 60 16.84 -8.68 6.65
N ILE A 61 15.54 -8.43 6.83
CA ILE A 61 14.66 -8.07 5.72
C ILE A 61 13.87 -6.82 6.11
N PHE A 62 13.83 -5.86 5.19
CA PHE A 62 13.08 -4.63 5.38
C PHE A 62 11.79 -4.72 4.57
N TRP A 63 10.65 -4.56 5.23
CA TRP A 63 9.37 -4.57 4.53
C TRP A 63 8.31 -3.93 5.42
N ALA A 64 7.13 -3.74 4.84
CA ALA A 64 5.99 -3.21 5.58
C ALA A 64 5.59 -4.16 6.69
N HIS A 65 5.18 -3.60 7.83
CA HIS A 65 4.93 -4.41 9.02
C HIS A 65 3.82 -5.43 8.80
N ASP A 66 2.86 -5.13 7.93
CA ASP A 66 1.65 -5.96 7.86
C ASP A 66 1.94 -7.34 7.28
N ARG A 67 3.00 -7.48 6.49
CA ARG A 67 3.39 -8.80 6.01
C ARG A 67 4.11 -9.62 7.06
N PHE A 68 4.69 -8.95 8.08
CA PHE A 68 5.53 -9.65 9.05
C PHE A 68 4.71 -10.50 10.02
N GLY A 69 3.42 -10.24 10.16
CA GLY A 69 2.60 -11.07 11.02
C GLY A 69 2.38 -12.45 10.44
N GLY A 70 2.25 -12.54 9.12
CA GLY A 70 2.22 -13.84 8.48
C GLY A 70 3.56 -14.55 8.57
N TYR A 71 4.66 -13.81 8.44
CA TYR A 71 5.98 -14.37 8.68
C TYR A 71 6.11 -14.87 10.11
N ALA A 72 5.71 -14.05 11.08
CA ALA A 72 5.88 -14.41 12.48
C ALA A 72 4.96 -15.55 12.87
N GLN A 73 3.67 -15.44 12.52
CA GLN A 73 2.82 -16.62 12.61
C GLN A 73 3.46 -17.83 11.91
N SER A 74 4.24 -17.62 10.85
CA SER A 74 4.98 -18.70 10.19
C SER A 74 6.38 -18.80 10.71
N GLY A 75 6.63 -18.34 11.93
CA GLY A 75 7.88 -18.63 12.64
C GLY A 75 9.12 -18.41 11.81
N LEU A 76 9.08 -17.48 10.84
CA LEU A 76 10.21 -17.12 9.98
C LEU A 76 10.98 -15.93 10.51
N LEU A 77 10.62 -15.42 11.69
CA LEU A 77 11.20 -14.20 12.22
C LEU A 77 11.69 -14.44 13.64
N ALA A 78 12.86 -13.89 13.94
CA ALA A 78 13.38 -13.94 15.29
C ALA A 78 12.60 -13.02 16.21
N GLU A 79 12.37 -13.46 17.43
CA GLU A 79 11.83 -12.57 18.45
C GLU A 79 12.93 -11.63 18.92
N ILE A 80 12.61 -10.35 18.98
CA ILE A 80 13.55 -9.35 19.48
C ILE A 80 13.10 -8.90 20.86
N THR A 81 14.06 -8.56 21.70
CA THR A 81 13.80 -8.19 23.09
C THR A 81 14.62 -6.95 23.45
N PRO A 82 14.32 -5.82 22.82
CA PRO A 82 15.09 -4.61 23.10
C PRO A 82 14.82 -4.09 24.50
N ALA A 83 15.85 -3.51 25.10
CA ALA A 83 15.72 -2.93 26.43
C ALA A 83 14.61 -1.88 26.45
N ALA A 84 13.97 -1.74 27.61
CA ALA A 84 12.97 -0.69 27.78
C ALA A 84 13.55 0.67 27.43
N ALA A 85 14.83 0.89 27.78
CA ALA A 85 15.47 2.16 27.47
C ALA A 85 15.55 2.40 25.97
N PHE A 86 15.74 1.35 25.19
CA PHE A 86 15.77 1.54 23.73
C PHE A 86 14.38 1.73 23.16
N GLN A 87 13.39 0.98 23.65
CA GLN A 87 12.03 1.12 23.14
C GLN A 87 11.51 2.53 23.30
N ASP A 88 11.92 3.24 24.36
CA ASP A 88 11.46 4.59 24.62
C ASP A 88 11.92 5.58 23.56
N LYS A 89 12.85 5.19 22.69
CA LYS A 89 13.34 6.10 21.66
C LYS A 89 12.50 6.07 20.40
N LEU A 90 11.63 5.08 20.26
CA LEU A 90 10.69 5.03 19.14
C LEU A 90 9.29 5.36 19.64
N TYR A 91 8.47 5.88 18.75
CA TYR A 91 7.09 6.20 19.09
C TYR A 91 6.38 4.95 19.58
N PRO A 92 5.62 5.02 20.68
CA PRO A 92 5.04 3.79 21.25
C PRO A 92 4.14 3.05 20.29
N PHE A 93 3.41 3.75 19.43
CA PHE A 93 2.51 3.06 18.51
C PHE A 93 3.27 2.28 17.46
N THR A 94 4.50 2.69 17.13
CA THR A 94 5.26 1.94 16.13
C THR A 94 5.65 0.56 16.62
N TRP A 95 5.79 0.38 17.93
CA TRP A 95 6.06 -0.94 18.48
C TRP A 95 4.83 -1.84 18.39
N ASP A 96 3.64 -1.26 18.42
CA ASP A 96 2.42 -2.05 18.27
C ASP A 96 2.36 -2.69 16.89
N ALA A 97 2.82 -1.97 15.87
CA ALA A 97 2.78 -2.49 14.51
C ALA A 97 3.68 -3.70 14.33
N VAL A 98 4.69 -3.88 15.18
CA VAL A 98 5.63 -4.99 15.06
C VAL A 98 5.39 -6.02 16.15
N ARG A 99 4.18 -6.08 16.71
CA ARG A 99 3.85 -7.05 17.74
C ARG A 99 2.95 -8.13 17.14
N TYR A 100 3.31 -9.39 17.38
CA TYR A 100 2.48 -10.53 17.02
C TYR A 100 2.38 -11.45 18.22
N ASN A 101 1.16 -11.72 18.67
CA ASN A 101 0.91 -12.56 19.84
C ASN A 101 1.73 -12.10 21.05
N GLY A 102 1.78 -10.78 21.24
CA GLY A 102 2.47 -10.23 22.39
C GLY A 102 3.97 -10.43 22.40
N LYS A 103 4.58 -10.66 21.23
CA LYS A 103 6.03 -10.69 21.10
C LYS A 103 6.45 -9.66 20.05
N LEU A 104 7.60 -9.03 20.28
CA LEU A 104 8.15 -8.12 19.29
C LEU A 104 8.88 -8.92 18.22
N ILE A 105 8.53 -8.67 16.96
CA ILE A 105 9.06 -9.45 15.85
C ILE A 105 9.90 -8.63 14.87
N ALA A 106 9.96 -7.31 15.03
CA ALA A 106 10.76 -6.49 14.13
C ALA A 106 11.00 -5.13 14.77
N TYR A 107 11.95 -4.40 14.17
CA TYR A 107 12.25 -3.04 14.60
C TYR A 107 11.52 -2.07 13.69
N PRO A 108 10.64 -1.21 14.20
CA PRO A 108 10.00 -0.22 13.32
C PRO A 108 11.02 0.81 12.86
N ILE A 109 10.89 1.21 11.59
CA ILE A 109 11.85 2.13 10.99
C ILE A 109 11.14 3.43 10.62
N ALA A 110 10.26 3.37 9.63
CA ALA A 110 9.58 4.54 9.10
C ALA A 110 8.06 4.34 9.17
N VAL A 111 7.33 5.43 8.97
CA VAL A 111 5.89 5.48 9.22
C VAL A 111 5.22 6.19 8.06
N GLU A 112 4.06 5.65 7.62
CA GLU A 112 3.36 6.14 6.45
C GLU A 112 1.86 6.13 6.68
N ALA A 113 1.17 7.17 6.19
CA ALA A 113 -0.28 7.27 6.29
C ALA A 113 -0.77 8.30 5.30
N LEU A 114 -2.07 8.22 4.98
CA LEU A 114 -2.69 9.20 4.10
C LEU A 114 -2.83 10.54 4.82
N SER A 115 -2.96 11.60 4.02
CA SER A 115 -3.14 12.95 4.54
C SER A 115 -3.91 13.80 3.53
N LEU A 116 -4.47 14.90 4.02
CA LEU A 116 -5.19 15.84 3.18
C LEU A 116 -4.19 16.69 2.41
N ILE A 117 -4.27 16.63 1.08
CA ILE A 117 -3.43 17.45 0.19
C ILE A 117 -4.33 18.46 -0.49
N TYR A 118 -3.95 19.74 -0.40
CA TYR A 118 -4.79 20.82 -0.89
C TYR A 118 -3.97 21.79 -1.74
N ASN A 119 -4.68 22.53 -2.59
CA ASN A 119 -4.09 23.58 -3.42
C ASN A 119 -4.17 24.89 -2.65
N LYS A 120 -3.01 25.40 -2.24
CA LYS A 120 -2.99 26.62 -1.42
C LYS A 120 -3.48 27.83 -2.20
N ASP A 121 -3.29 27.84 -3.53
CA ASP A 121 -3.79 28.95 -4.34
C ASP A 121 -5.31 28.92 -4.42
N LEU A 122 -5.88 27.76 -4.75
CA LEU A 122 -7.34 27.63 -4.77
C LEU A 122 -7.94 27.72 -3.37
N LEU A 123 -7.25 27.14 -2.39
CA LEU A 123 -7.80 26.99 -1.05
C LEU A 123 -6.70 27.31 -0.03
N PRO A 124 -6.57 28.58 0.36
CA PRO A 124 -5.49 28.94 1.28
C PRO A 124 -5.62 28.31 2.66
N ASN A 125 -6.82 28.25 3.20
CA ASN A 125 -7.04 27.59 4.49
C ASN A 125 -8.01 26.43 4.32
N PRO A 126 -7.52 25.19 4.36
CA PRO A 126 -8.38 24.04 4.06
C PRO A 126 -9.32 23.72 5.21
N PRO A 127 -10.37 22.94 4.97
CA PRO A 127 -11.35 22.67 6.02
C PRO A 127 -10.81 21.71 7.06
N LYS A 128 -11.21 21.95 8.31
CA LYS A 128 -10.87 21.02 9.38
C LYS A 128 -11.90 19.91 9.55
N THR A 129 -13.09 20.06 8.96
CA THR A 129 -14.15 19.07 9.11
C THR A 129 -14.64 18.60 7.74
N TRP A 130 -15.11 17.34 7.71
CA TRP A 130 -15.78 16.82 6.53
C TRP A 130 -17.09 17.54 6.26
N GLU A 131 -17.74 18.03 7.32
CA GLU A 131 -19.04 18.67 7.18
C GLU A 131 -18.95 19.95 6.34
N GLU A 132 -17.79 20.59 6.31
CA GLU A 132 -17.64 21.84 5.57
C GLU A 132 -17.50 21.64 4.07
N ILE A 133 -17.26 20.40 3.63
CA ILE A 133 -16.90 20.13 2.23
C ILE A 133 -18.05 20.36 1.26
N PRO A 134 -19.31 20.04 1.60
CA PRO A 134 -20.41 20.42 0.68
C PRO A 134 -20.47 21.91 0.40
N ALA A 135 -20.46 22.75 1.43
CA ALA A 135 -20.50 24.19 1.22
C ALA A 135 -19.28 24.66 0.41
N LEU A 136 -18.09 24.17 0.78
CA LEU A 136 -16.89 24.52 0.04
C LEU A 136 -16.99 24.09 -1.42
N ASP A 137 -17.71 23.00 -1.70
CA ASP A 137 -17.81 22.49 -3.05
C ASP A 137 -18.73 23.36 -3.92
N LYS A 138 -19.81 23.87 -3.35
CA LYS A 138 -20.67 24.78 -4.08
C LYS A 138 -19.92 26.07 -4.43
N GLU A 139 -19.12 26.58 -3.48
CA GLU A 139 -18.32 27.77 -3.75
C GLU A 139 -17.36 27.55 -4.90
N LEU A 140 -16.71 26.40 -4.95
CA LEU A 140 -15.66 26.17 -5.94
C LEU A 140 -16.23 25.82 -7.31
N LYS A 141 -17.32 25.04 -7.37
CA LYS A 141 -17.86 24.66 -8.66
C LYS A 141 -18.53 25.84 -9.36
N ALA A 142 -18.95 26.84 -8.59
CA ALA A 142 -19.33 28.12 -9.21
C ALA A 142 -18.21 28.65 -10.07
N LYS A 143 -16.96 28.42 -9.66
CA LYS A 143 -15.78 28.87 -10.39
C LYS A 143 -15.11 27.75 -11.17
N GLY A 144 -15.87 26.72 -11.56
CA GLY A 144 -15.39 25.71 -12.48
C GLY A 144 -14.47 24.65 -11.89
N LYS A 145 -14.18 24.71 -10.60
CA LYS A 145 -13.34 23.71 -9.94
C LYS A 145 -14.23 22.79 -9.09
N SER A 146 -13.63 21.77 -8.50
CA SER A 146 -14.33 20.96 -7.50
C SER A 146 -13.55 21.02 -6.20
N ALA A 147 -14.25 20.70 -5.10
CA ALA A 147 -13.63 20.85 -3.79
C ALA A 147 -12.66 19.72 -3.47
N LEU A 148 -12.99 18.49 -3.85
CA LEU A 148 -12.22 17.34 -3.43
C LEU A 148 -12.46 16.18 -4.35
N MET A 149 -11.38 15.49 -4.73
CA MET A 149 -11.45 14.25 -5.49
C MET A 149 -10.39 13.30 -4.96
N PHE A 150 -10.80 12.06 -4.69
CA PHE A 150 -9.85 11.04 -4.27
C PHE A 150 -10.38 9.67 -4.66
N ASN A 151 -9.47 8.71 -4.75
CA ASN A 151 -9.78 7.35 -5.16
C ASN A 151 -10.87 6.74 -4.31
N LEU A 152 -12.09 6.65 -4.85
CA LEU A 152 -13.21 6.03 -4.15
C LEU A 152 -13.29 4.53 -4.40
N GLN A 153 -12.35 3.96 -5.17
CA GLN A 153 -12.42 2.56 -5.55
C GLN A 153 -11.70 1.62 -4.59
N GLU A 154 -10.70 2.10 -3.85
CA GLU A 154 -9.99 1.22 -2.93
C GLU A 154 -10.35 1.57 -1.50
N PRO A 155 -10.78 0.59 -0.69
CA PRO A 155 -11.12 0.87 0.72
C PRO A 155 -10.02 1.56 1.49
N TYR A 156 -8.76 1.36 1.11
CA TYR A 156 -7.65 2.03 1.79
C TYR A 156 -7.86 3.54 1.83
N PHE A 157 -8.42 4.11 0.77
CA PHE A 157 -8.62 5.55 0.69
C PHE A 157 -9.94 6.00 1.32
N THR A 158 -10.95 5.14 1.32
CA THR A 158 -12.24 5.50 1.90
C THR A 158 -12.35 5.08 3.37
N TRP A 159 -11.43 4.27 3.87
CA TRP A 159 -11.49 3.85 5.27
C TRP A 159 -11.32 4.98 6.28
N PRO A 160 -10.45 5.99 6.09
CA PRO A 160 -10.29 7.00 7.14
C PRO A 160 -11.59 7.67 7.55
N LEU A 161 -12.52 7.87 6.62
CA LEU A 161 -13.80 8.47 6.97
C LEU A 161 -14.74 7.43 7.59
N ILE A 162 -14.77 6.23 7.02
CA ILE A 162 -15.64 5.18 7.54
C ILE A 162 -15.29 4.86 8.99
N ALA A 163 -14.01 4.70 9.28
CA ALA A 163 -13.56 4.35 10.61
C ALA A 163 -13.55 5.52 11.58
N ALA A 164 -13.79 6.75 11.10
CA ALA A 164 -13.63 7.92 11.94
C ALA A 164 -14.49 7.82 13.21
N ASP A 165 -15.73 7.36 13.08
CA ASP A 165 -16.66 7.36 14.19
C ASP A 165 -16.86 5.98 14.80
N GLY A 166 -16.06 4.99 14.43
CA GLY A 166 -16.17 3.71 15.11
C GLY A 166 -15.84 2.45 14.33
N GLY A 167 -15.80 2.54 13.00
CA GLY A 167 -15.44 1.38 12.21
C GLY A 167 -14.05 0.89 12.51
N TYR A 168 -13.83 -0.40 12.25
CA TYR A 168 -12.52 -1.01 12.44
C TYR A 168 -12.51 -2.37 11.75
N ALA A 169 -11.31 -2.81 11.39
CA ALA A 169 -11.15 -4.14 10.77
C ALA A 169 -11.37 -5.23 11.79
N PHE A 170 -10.33 -5.57 12.56
CA PHE A 170 -10.42 -6.56 13.62
C PHE A 170 -10.05 -5.91 14.94
N LYS A 171 -10.71 -6.34 16.02
CA LYS A 171 -10.44 -5.78 17.33
C LYS A 171 -9.12 -6.33 17.88
N TYR A 172 -8.43 -5.48 18.64
CA TYR A 172 -7.08 -5.77 19.12
C TYR A 172 -6.93 -5.37 20.58
N LYS A 176 -2.76 -9.05 20.05
CA LYS A 176 -3.79 -10.05 19.80
C LYS A 176 -4.94 -9.47 18.97
N TYR A 177 -5.14 -10.02 17.78
CA TYR A 177 -6.26 -9.66 16.92
C TYR A 177 -7.29 -10.79 16.96
N ASP A 178 -8.55 -10.43 17.16
CA ASP A 178 -9.65 -11.39 17.12
C ASP A 178 -10.24 -11.40 15.71
N ILE A 179 -9.92 -12.46 14.95
CA ILE A 179 -10.39 -12.56 13.58
C ILE A 179 -11.89 -12.79 13.46
N LYS A 180 -12.59 -12.96 14.59
CA LYS A 180 -14.03 -13.10 14.54
C LYS A 180 -14.78 -11.85 14.98
N ASP A 181 -14.06 -10.81 15.42
CA ASP A 181 -14.66 -9.52 15.74
C ASP A 181 -14.30 -8.54 14.62
N VAL A 182 -15.22 -8.38 13.67
CA VAL A 182 -15.09 -7.41 12.59
C VAL A 182 -16.00 -6.23 12.90
N GLY A 183 -15.47 -5.02 12.78
CA GLY A 183 -16.26 -3.83 13.06
C GLY A 183 -16.60 -3.06 11.81
N VAL A 184 -17.37 -3.67 10.92
CA VAL A 184 -17.59 -3.13 9.58
C VAL A 184 -18.99 -2.54 9.44
N ASP A 185 -19.96 -3.06 10.19
CA ASP A 185 -21.31 -2.53 10.12
C ASP A 185 -21.81 -2.09 11.49
N ASN A 186 -20.91 -1.54 12.32
CA ASN A 186 -21.37 -0.85 13.51
C ASN A 186 -21.90 0.53 13.13
N ALA A 187 -22.33 1.30 14.14
CA ALA A 187 -22.94 2.59 13.87
C ALA A 187 -21.94 3.56 13.24
N GLY A 188 -20.72 3.60 13.76
CA GLY A 188 -19.73 4.53 13.22
C GLY A 188 -19.40 4.27 11.77
N ALA A 189 -19.29 2.99 11.39
CA ALA A 189 -18.99 2.68 10.00
C ALA A 189 -20.17 3.03 9.09
N LYS A 190 -21.40 2.69 9.51
CA LYS A 190 -22.58 3.09 8.75
C LYS A 190 -22.62 4.59 8.55
N ALA A 191 -22.29 5.36 9.59
CA ALA A 191 -22.38 6.81 9.50
C ALA A 191 -21.35 7.36 8.52
N GLY A 192 -20.10 6.91 8.62
CA GLY A 192 -19.07 7.39 7.72
C GLY A 192 -19.38 7.08 6.27
N LEU A 193 -19.78 5.84 5.99
CA LEU A 193 -20.07 5.45 4.61
C LEU A 193 -21.33 6.13 4.11
N THR A 194 -22.34 6.30 4.97
CA THR A 194 -23.53 7.03 4.56
C THR A 194 -23.20 8.47 4.19
N PHE A 195 -22.38 9.13 5.00
CA PHE A 195 -21.94 10.47 4.66
C PHE A 195 -21.16 10.47 3.35
N LEU A 196 -20.29 9.49 3.16
CA LEU A 196 -19.55 9.36 1.91
C LEU A 196 -20.51 9.26 0.72
N VAL A 197 -21.52 8.40 0.84
CA VAL A 197 -22.43 8.17 -0.28
C VAL A 197 -23.29 9.40 -0.55
N ASP A 198 -23.75 10.07 0.52
CA ASP A 198 -24.57 11.26 0.34
C ASP A 198 -23.78 12.39 -0.31
N LEU A 199 -22.47 12.43 -0.08
CA LEU A 199 -21.63 13.34 -0.86
C LEU A 199 -21.75 13.04 -2.35
N ILE A 200 -21.84 11.76 -2.71
CA ILE A 200 -22.00 11.38 -4.10
C ILE A 200 -23.43 11.63 -4.56
N LYS A 201 -24.41 11.34 -3.70
CA LYS A 201 -25.80 11.59 -4.06
C LYS A 201 -26.06 13.07 -4.26
N ASN A 202 -25.44 13.92 -3.44
CA ASN A 202 -25.60 15.37 -3.54
C ASN A 202 -24.61 16.01 -4.51
N LYS A 203 -23.93 15.20 -5.32
CA LYS A 203 -23.13 15.68 -6.46
C LYS A 203 -21.98 16.57 -6.01
N HIS A 204 -21.23 16.09 -5.01
CA HIS A 204 -19.94 16.69 -4.66
C HIS A 204 -18.76 15.80 -5.01
N MET A 205 -19.00 14.52 -5.26
CA MET A 205 -17.98 13.60 -5.76
C MET A 205 -18.65 12.66 -6.75
N ASN A 206 -17.82 11.98 -7.56
CA ASN A 206 -18.30 11.05 -8.57
C ASN A 206 -17.98 9.63 -8.12
N ALA A 207 -18.98 8.74 -8.21
CA ALA A 207 -18.86 7.40 -7.67
C ALA A 207 -17.71 6.62 -8.32
N ASP A 208 -17.31 6.97 -9.53
CA ASP A 208 -16.32 6.21 -10.27
C ASP A 208 -14.97 6.91 -10.35
N THR A 209 -14.72 7.90 -9.49
CA THR A 209 -13.40 8.52 -9.43
C THR A 209 -12.40 7.53 -8.84
N ASP A 210 -11.33 7.26 -9.56
CA ASP A 210 -10.30 6.33 -9.10
C ASP A 210 -8.99 7.09 -8.88
N TYR A 211 -7.90 6.33 -8.71
CA TYR A 211 -6.63 6.94 -8.32
C TYR A 211 -6.12 7.91 -9.37
N SER A 212 -6.18 7.53 -10.65
CA SER A 212 -5.59 8.37 -11.69
C SER A 212 -6.45 9.59 -11.98
N ILE A 213 -7.77 9.42 -12.04
CA ILE A 213 -8.65 10.57 -12.26
C ILE A 213 -8.42 11.62 -11.18
N ALA A 214 -8.38 11.17 -9.92
CA ALA A 214 -8.17 12.11 -8.81
C ALA A 214 -6.80 12.79 -8.92
N GLU A 215 -5.74 11.99 -9.13
CA GLU A 215 -4.40 12.56 -9.23
C GLU A 215 -4.32 13.56 -10.38
N ALA A 216 -4.86 13.20 -11.54
CA ALA A 216 -4.84 14.11 -12.68
C ALA A 216 -5.58 15.39 -12.37
N ALA A 217 -6.78 15.29 -11.81
CA ALA A 217 -7.58 16.47 -11.51
C ALA A 217 -6.82 17.44 -10.61
N PHE A 218 -6.21 16.92 -9.53
CA PHE A 218 -5.53 17.80 -8.59
C PHE A 218 -4.29 18.45 -9.22
N ASN A 219 -3.52 17.67 -9.98
CA ASN A 219 -2.28 18.22 -10.53
C ASN A 219 -2.54 19.17 -11.69
N LYS A 220 -3.68 19.03 -12.37
CA LYS A 220 -4.09 19.99 -13.39
C LYS A 220 -4.88 21.16 -12.82
N GLY A 221 -4.88 21.33 -11.50
CA GLY A 221 -5.56 22.45 -10.88
C GLY A 221 -7.07 22.40 -10.92
N GLU A 222 -7.67 21.26 -11.27
CA GLU A 222 -9.11 21.17 -11.44
C GLU A 222 -9.85 20.99 -10.12
N THR A 223 -9.20 20.49 -9.08
CA THR A 223 -9.81 20.33 -7.77
C THR A 223 -8.87 20.88 -6.70
N ALA A 224 -9.46 21.34 -5.60
CA ALA A 224 -8.70 22.01 -4.56
C ALA A 224 -8.10 21.06 -3.54
N MET A 225 -8.67 19.87 -3.38
CA MET A 225 -8.17 18.91 -2.39
C MET A 225 -8.13 17.52 -2.98
N THR A 226 -7.19 16.72 -2.48
CA THR A 226 -7.16 15.28 -2.71
C THR A 226 -6.71 14.61 -1.43
N ILE A 227 -6.64 13.28 -1.48
CA ILE A 227 -6.20 12.49 -0.33
C ILE A 227 -5.23 11.43 -0.85
N ASN A 228 -3.99 11.48 -0.38
CA ASN A 228 -2.97 10.54 -0.85
C ASN A 228 -1.82 10.53 0.15
N GLY A 229 -0.82 9.70 -0.12
CA GLY A 229 0.31 9.53 0.76
C GLY A 229 1.58 10.14 0.19
N PRO A 230 2.67 10.05 0.95
CA PRO A 230 3.93 10.68 0.52
C PRO A 230 4.42 10.18 -0.83
N TRP A 231 4.05 8.96 -1.21
CA TRP A 231 4.46 8.41 -2.50
C TRP A 231 4.00 9.26 -3.67
N ALA A 232 3.03 10.15 -3.46
CA ALA A 232 2.48 10.96 -4.53
C ALA A 232 3.00 12.38 -4.53
N TRP A 233 3.83 12.78 -3.55
CA TRP A 233 4.33 14.14 -3.51
C TRP A 233 5.22 14.48 -4.70
N SER A 234 5.92 13.47 -5.24
CA SER A 234 6.88 13.73 -6.31
C SER A 234 6.19 14.17 -7.60
N ASN A 235 5.07 13.53 -7.94
CA ASN A 235 4.32 13.94 -9.13
C ASN A 235 3.64 15.29 -8.96
N ILE A 236 3.46 15.76 -7.72
CA ILE A 236 2.97 17.12 -7.51
C ILE A 236 4.08 18.15 -7.45
N ASP A 237 5.34 17.71 -7.50
CA ASP A 237 6.42 18.69 -7.69
C ASP A 237 6.66 18.96 -9.17
N THR A 238 6.43 17.94 -10.01
CA THR A 238 6.32 18.17 -11.44
C THR A 238 5.17 19.12 -11.76
N SER A 239 4.15 19.14 -10.90
CA SER A 239 2.95 19.95 -11.14
C SER A 239 3.25 21.44 -11.16
N ALA A 240 4.20 21.89 -10.33
CA ALA A 240 4.35 23.29 -9.96
C ALA A 240 3.07 23.86 -9.33
N VAL A 241 2.04 23.01 -9.16
CA VAL A 241 0.93 23.36 -8.29
C VAL A 241 1.47 23.62 -6.90
N ASN A 242 1.17 24.78 -6.33
CA ASN A 242 1.64 25.01 -4.97
C ASN A 242 0.63 24.37 -4.02
N TYR A 243 1.04 23.25 -3.44
CA TYR A 243 0.20 22.43 -2.59
C TYR A 243 0.76 22.42 -1.17
N GLY A 244 -0.15 22.21 -0.21
CA GLY A 244 0.23 21.89 1.15
C GLY A 244 -0.28 20.50 1.51
N VAL A 245 0.22 19.98 2.62
CA VAL A 245 -0.23 18.71 3.17
C VAL A 245 -0.57 18.94 4.63
N THR A 246 -1.70 18.42 5.08
CA THR A 246 -2.22 18.77 6.39
C THR A 246 -3.03 17.61 6.96
N VAL A 247 -3.49 17.79 8.20
CA VAL A 247 -4.27 16.80 8.91
C VAL A 247 -5.54 16.48 8.14
N LEU A 248 -5.99 15.23 8.24
CA LEU A 248 -7.23 14.84 7.58
C LEU A 248 -8.40 15.52 8.28
N PRO A 249 -9.48 15.80 7.54
CA PRO A 249 -10.65 16.42 8.17
C PRO A 249 -11.26 15.50 9.21
N THR A 250 -11.93 16.10 10.19
CA THR A 250 -12.62 15.33 11.22
C THR A 250 -14.05 15.05 10.77
N PHE A 251 -14.60 13.96 11.28
CA PHE A 251 -15.99 13.59 11.02
C PHE A 251 -16.69 13.39 12.35
N LYS A 252 -17.79 14.13 12.56
CA LYS A 252 -18.51 14.13 13.83
C LYS A 252 -17.56 14.39 14.99
N GLY A 253 -16.60 15.30 14.78
CA GLY A 253 -15.62 15.62 15.77
C GLY A 253 -14.56 14.57 16.01
N GLN A 254 -14.60 13.46 15.28
CA GLN A 254 -13.59 12.42 15.42
C GLN A 254 -12.57 12.51 14.29
N PRO A 255 -11.29 12.29 14.56
CA PRO A 255 -10.30 12.30 13.48
C PRO A 255 -10.59 11.20 12.47
N SER A 256 -10.28 11.49 11.20
CA SER A 256 -10.16 10.41 10.23
C SER A 256 -9.06 9.47 10.69
N LYS A 257 -9.33 8.17 10.60
CA LYS A 257 -8.37 7.15 11.05
C LYS A 257 -7.85 6.39 9.85
N PRO A 258 -6.79 6.87 9.19
CA PRO A 258 -6.22 6.11 8.09
C PRO A 258 -5.46 4.89 8.59
N PHE A 259 -5.34 3.89 7.73
CA PHE A 259 -4.45 2.78 8.02
C PHE A 259 -3.00 3.27 8.03
N VAL A 260 -2.21 2.69 8.93
CA VAL A 260 -0.82 3.10 9.12
C VAL A 260 0.08 1.96 8.70
N GLY A 261 1.02 2.24 7.80
CA GLY A 261 2.04 1.29 7.39
C GLY A 261 3.38 1.67 8.00
N VAL A 262 4.06 0.68 8.56
CA VAL A 262 5.31 0.89 9.28
C VAL A 262 6.39 0.06 8.61
N LEU A 263 7.31 0.74 7.93
CA LEU A 263 8.51 0.08 7.43
C LEU A 263 9.30 -0.50 8.61
N SER A 264 9.56 -1.81 8.57
CA SER A 264 10.15 -2.50 9.69
C SER A 264 11.30 -3.39 9.21
N ALA A 265 12.16 -3.76 10.16
CA ALA A 265 13.33 -4.59 9.89
C ALA A 265 13.24 -5.85 10.72
N GLY A 266 12.92 -6.97 10.07
CA GLY A 266 12.83 -8.25 10.73
C GLY A 266 14.12 -9.04 10.63
N ILE A 267 14.30 -9.98 11.56
CA ILE A 267 15.50 -10.80 11.64
C ILE A 267 15.11 -12.23 11.28
N ASN A 268 15.83 -12.80 10.32
CA ASN A 268 15.58 -14.16 9.88
C ASN A 268 15.76 -15.14 11.03
N ALA A 269 14.72 -15.93 11.31
CA ALA A 269 14.79 -16.90 12.39
C ALA A 269 15.87 -17.95 12.17
N ALA A 270 16.29 -18.15 10.92
CA ALA A 270 17.35 -19.11 10.61
C ALA A 270 18.75 -18.49 10.63
N SER A 271 18.87 -17.22 10.97
CA SER A 271 20.16 -16.56 10.87
C SER A 271 21.03 -16.93 12.07
N PRO A 272 22.28 -17.35 11.85
CA PRO A 272 23.21 -17.53 12.98
C PRO A 272 23.84 -16.25 13.48
N ASN A 273 23.38 -15.09 13.00
CA ASN A 273 23.93 -13.80 13.35
C ASN A 273 22.88 -12.90 13.99
N LYS A 274 21.94 -13.51 14.72
CA LYS A 274 20.83 -12.76 15.31
C LYS A 274 21.32 -11.62 16.19
N GLU A 275 22.31 -11.89 17.04
CA GLU A 275 22.78 -10.87 17.97
C GLU A 275 23.54 -9.77 17.25
N LEU A 276 24.32 -10.13 16.22
CA LEU A 276 24.94 -9.11 15.39
C LEU A 276 23.89 -8.24 14.71
N ALA A 277 22.80 -8.85 14.25
CA ALA A 277 21.75 -8.08 13.59
C ALA A 277 21.06 -7.13 14.55
N LYS A 278 20.80 -7.59 15.78
CA LYS A 278 20.17 -6.72 16.77
C LYS A 278 21.05 -5.52 17.09
N GLU A 279 22.36 -5.73 17.15
CA GLU A 279 23.29 -4.63 17.46
C GLU A 279 23.34 -3.61 16.32
N PHE A 280 23.38 -4.08 15.07
CA PHE A 280 23.41 -3.17 13.93
C PHE A 280 22.15 -2.30 13.88
N LEU A 281 20.99 -2.90 14.09
CA LEU A 281 19.74 -2.16 13.99
C LEU A 281 19.55 -1.22 15.18
N GLU A 282 19.94 -1.66 16.37
CA GLU A 282 19.74 -0.83 17.57
C GLU A 282 20.80 0.26 17.68
N ASN A 283 22.08 -0.11 17.52
CA ASN A 283 23.17 0.81 17.81
C ASN A 283 23.65 1.60 16.60
N TYR A 284 23.30 1.20 15.38
CA TYR A 284 23.83 1.85 14.19
C TYR A 284 22.74 2.42 13.29
N LEU A 285 21.76 1.61 12.89
CA LEU A 285 20.72 2.11 12.00
C LEU A 285 19.77 3.06 12.73
N LEU A 286 19.21 2.62 13.85
CA LEU A 286 18.21 3.41 14.58
C LEU A 286 18.87 4.50 15.42
N THR A 287 19.67 5.32 14.75
CA THR A 287 20.29 6.49 15.32
C THR A 287 20.08 7.68 14.39
N ASP A 288 20.31 8.87 14.91
CA ASP A 288 20.15 10.08 14.09
C ASP A 288 21.05 10.03 12.86
N GLU A 289 22.27 9.51 13.03
CA GLU A 289 23.22 9.45 11.92
C GLU A 289 22.86 8.34 10.95
N GLY A 290 22.52 7.16 11.47
CA GLY A 290 22.08 6.05 10.65
C GLY A 290 20.88 6.37 9.78
N LEU A 291 19.79 6.82 10.41
CA LEU A 291 18.60 7.19 9.64
C LEU A 291 18.92 8.29 8.62
N GLU A 292 19.75 9.25 9.01
CA GLU A 292 20.12 10.32 8.09
C GLU A 292 20.82 9.79 6.85
N ALA A 293 21.66 8.77 7.03
CA ALA A 293 22.38 8.18 5.90
C ALA A 293 21.41 7.61 4.87
N VAL A 294 20.41 6.86 5.32
CA VAL A 294 19.40 6.33 4.42
C VAL A 294 18.56 7.46 3.84
N ASN A 295 18.21 8.45 4.67
CA ASN A 295 17.30 9.51 4.24
C ASN A 295 17.96 10.40 3.19
N LYS A 296 19.25 10.71 3.36
CA LYS A 296 19.96 11.48 2.35
C LYS A 296 20.06 10.71 1.04
N ASP A 297 20.19 9.38 1.11
CA ASP A 297 20.13 8.57 -0.10
C ASP A 297 18.72 8.59 -0.70
N LYS A 298 17.71 8.30 0.12
CA LYS A 298 16.34 8.31 -0.34
C LYS A 298 15.45 8.58 0.86
N PRO A 299 14.55 9.56 0.77
CA PRO A 299 13.79 9.97 1.95
C PRO A 299 12.90 8.86 2.48
N LEU A 300 12.87 8.73 3.81
CA LEU A 300 12.03 7.73 4.46
C LEU A 300 10.63 8.25 4.75
N GLY A 301 10.41 9.55 4.71
CA GLY A 301 9.19 10.13 5.21
C GLY A 301 9.29 10.35 6.70
N ALA A 302 8.21 10.09 7.43
CA ALA A 302 8.28 10.13 8.89
C ALA A 302 8.92 8.85 9.42
N VAL A 303 9.64 8.98 10.53
CA VAL A 303 10.43 7.87 11.06
C VAL A 303 9.98 7.57 12.49
N ALA A 304 10.17 6.32 12.88
CA ALA A 304 9.76 5.87 14.21
C ALA A 304 10.65 6.39 15.32
N LEU A 305 11.91 6.73 15.02
CA LEU A 305 12.82 7.25 16.03
C LEU A 305 12.46 8.71 16.34
N LYS A 306 12.17 8.99 17.61
CA LYS A 306 11.62 10.29 17.98
C LYS A 306 12.59 11.43 17.66
N SER A 307 13.87 11.26 18.02
CA SER A 307 14.83 12.36 17.89
C SER A 307 14.98 12.80 16.45
N TYR A 308 15.19 11.85 15.53
CA TYR A 308 15.32 12.22 14.13
C TYR A 308 13.99 12.64 13.52
N GLU A 309 12.88 12.09 14.00
CA GLU A 309 11.58 12.55 13.52
C GLU A 309 11.35 14.01 13.90
N GLU A 310 11.86 14.43 15.05
CA GLU A 310 11.79 15.84 15.42
C GLU A 310 12.56 16.71 14.44
N GLU A 311 13.62 16.18 13.84
CA GLU A 311 14.34 16.94 12.82
C GLU A 311 13.60 16.94 11.49
N LEU A 312 13.10 15.78 11.07
CA LEU A 312 12.39 15.69 9.79
C LEU A 312 11.07 16.43 9.82
N ALA A 313 10.44 16.54 11.00
CA ALA A 313 9.14 17.19 11.11
C ALA A 313 9.19 18.68 10.84
N LYS A 314 10.38 19.28 10.76
CA LYS A 314 10.47 20.67 10.34
C LYS A 314 9.87 20.86 8.95
N ASP A 315 9.91 19.82 8.12
CA ASP A 315 9.06 19.73 6.95
C ASP A 315 7.62 19.51 7.40
N PRO A 316 6.69 20.41 7.08
CA PRO A 316 5.30 20.22 7.54
C PRO A 316 4.58 19.07 6.87
N ARG A 317 5.03 18.64 5.68
CA ARG A 317 4.43 17.46 5.05
C ARG A 317 4.69 16.20 5.87
N ILE A 318 5.90 16.09 6.43
CA ILE A 318 6.23 14.92 7.23
C ILE A 318 5.56 15.00 8.59
N ALA A 319 5.48 16.20 9.16
CA ALA A 319 4.73 16.38 10.40
C ALA A 319 3.26 16.02 10.21
N ALA A 320 2.69 16.38 9.06
CA ALA A 320 1.30 16.04 8.79
C ALA A 320 1.12 14.53 8.64
N THR A 321 2.04 13.88 7.92
CA THR A 321 2.00 12.42 7.81
C THR A 321 2.02 11.78 9.19
N MET A 322 2.97 12.19 10.03
CA MET A 322 3.09 11.59 11.37
C MET A 322 1.84 11.87 12.20
N GLU A 323 1.28 13.07 12.08
CA GLU A 323 0.09 13.39 12.87
C GLU A 323 -1.10 12.54 12.45
N ASN A 324 -1.29 12.34 11.14
CA ASN A 324 -2.36 11.47 10.67
C ASN A 324 -2.09 10.01 11.04
N ALA A 325 -0.81 9.62 11.10
CA ALA A 325 -0.48 8.26 11.51
C ALA A 325 -0.85 8.02 12.97
N GLN A 326 -0.53 8.99 13.85
CA GLN A 326 -0.82 8.84 15.27
C GLN A 326 -2.32 8.86 15.56
N LYS A 327 -3.13 9.38 14.64
CA LYS A 327 -4.57 9.35 14.79
C LYS A 327 -5.22 8.20 14.04
N GLY A 328 -4.47 7.49 13.20
CA GLY A 328 -5.01 6.41 12.42
C GLY A 328 -4.98 5.08 13.15
N GLU A 329 -5.31 4.03 12.41
CA GLU A 329 -5.37 2.67 12.94
C GLU A 329 -4.25 1.87 12.27
N ILE A 330 -3.40 1.25 13.08
CA ILE A 330 -2.30 0.47 12.56
C ILE A 330 -2.85 -0.67 11.71
N MET A 331 -2.35 -0.78 10.48
CA MET A 331 -2.72 -1.88 9.60
C MET A 331 -2.48 -3.20 10.31
N PRO A 332 -3.52 -4.03 10.51
CA PRO A 332 -3.32 -5.30 11.21
C PRO A 332 -2.44 -6.24 10.40
N ASN A 333 -1.49 -6.87 11.10
CA ASN A 333 -0.48 -7.70 10.47
C ASN A 333 -0.91 -9.16 10.31
N ILE A 334 -2.18 -9.42 9.97
CA ILE A 334 -2.62 -10.81 9.87
C ILE A 334 -3.07 -11.12 8.45
N PRO A 335 -2.87 -12.34 7.97
CA PRO A 335 -3.28 -12.66 6.59
C PRO A 335 -4.79 -12.62 6.37
N GLN A 336 -5.58 -12.72 7.44
CA GLN A 336 -7.03 -12.58 7.31
C GLN A 336 -7.44 -11.19 6.83
N MET A 337 -6.48 -10.26 6.73
CA MET A 337 -6.78 -8.91 6.24
C MET A 337 -7.24 -8.95 4.78
N SER A 338 -6.86 -9.98 4.03
CA SER A 338 -7.30 -10.10 2.65
C SER A 338 -8.82 -10.25 2.55
N ALA A 339 -9.42 -10.93 3.54
CA ALA A 339 -10.88 -11.05 3.55
C ALA A 339 -11.55 -9.73 3.90
N PHE A 340 -10.90 -8.91 4.73
CA PHE A 340 -11.41 -7.56 4.99
C PHE A 340 -11.44 -6.74 3.72
N TRP A 341 -10.33 -6.72 2.98
CA TRP A 341 -10.25 -5.91 1.77
C TRP A 341 -11.29 -6.34 0.74
N TYR A 342 -11.41 -7.65 0.50
CA TYR A 342 -12.36 -8.14 -0.49
C TYR A 342 -13.79 -7.74 -0.12
N ALA A 343 -14.19 -8.03 1.11
CA ALA A 343 -15.57 -7.73 1.52
C ALA A 343 -15.82 -6.23 1.51
N VAL A 344 -14.86 -5.44 1.98
CA VAL A 344 -15.12 -4.00 2.13
C VAL A 344 -15.12 -3.30 0.77
N ARG A 345 -14.24 -3.72 -0.14
CA ARG A 345 -14.23 -3.09 -1.45
C ARG A 345 -15.56 -3.28 -2.17
N THR A 346 -16.08 -4.50 -2.13
CA THR A 346 -17.40 -4.78 -2.68
C THR A 346 -18.46 -3.87 -2.08
N ALA A 347 -18.44 -3.73 -0.76
CA ALA A 347 -19.51 -3.00 -0.07
C ALA A 347 -19.47 -1.51 -0.39
N VAL A 348 -18.28 -0.91 -0.44
CA VAL A 348 -18.19 0.51 -0.72
C VAL A 348 -18.58 0.81 -2.16
N ILE A 349 -18.17 -0.06 -3.09
CA ILE A 349 -18.53 0.13 -4.49
C ILE A 349 -20.03 -0.03 -4.70
N ASN A 350 -20.64 -1.06 -4.09
CA ASN A 350 -22.07 -1.27 -4.25
C ASN A 350 -22.87 -0.17 -3.58
N ALA A 351 -22.40 0.33 -2.43
CA ALA A 351 -23.13 1.40 -1.74
C ALA A 351 -23.00 2.71 -2.51
N ALA A 352 -21.83 2.98 -3.09
CA ALA A 352 -21.63 4.23 -3.82
C ALA A 352 -22.30 4.20 -5.20
N SER A 353 -22.40 3.03 -5.81
CA SER A 353 -23.09 2.90 -7.10
C SER A 353 -24.60 2.81 -6.97
N GLY A 354 -25.13 2.90 -5.75
CA GLY A 354 -26.55 2.75 -5.53
C GLY A 354 -27.07 1.34 -5.63
N ARG A 355 -26.25 0.37 -6.04
CA ARG A 355 -26.70 -1.01 -6.16
C ARG A 355 -27.11 -1.61 -4.82
N GLN A 356 -26.71 -0.99 -3.72
CA GLN A 356 -27.08 -1.46 -2.39
C GLN A 356 -27.16 -0.27 -1.45
N THR A 357 -27.79 -0.49 -0.31
CA THR A 357 -27.78 0.48 0.78
C THR A 357 -26.53 0.27 1.62
N VAL A 358 -26.11 1.34 2.31
CA VAL A 358 -24.96 1.20 3.21
C VAL A 358 -25.27 0.19 4.31
N ASP A 359 -26.54 0.10 4.73
CA ASP A 359 -26.88 -0.86 5.77
C ASP A 359 -26.83 -2.29 5.21
N ALA A 360 -27.19 -2.46 3.94
CA ALA A 360 -27.14 -3.79 3.34
C ALA A 360 -25.74 -4.14 2.87
N ALA A 361 -25.03 -3.20 2.25
CA ALA A 361 -23.67 -3.48 1.81
C ALA A 361 -22.76 -3.79 2.99
N LEU A 362 -22.86 -3.01 4.06
CA LEU A 362 -22.00 -3.23 5.21
C LEU A 362 -22.38 -4.50 5.96
N ALA A 363 -23.68 -4.81 6.02
CA ALA A 363 -24.11 -6.04 6.68
C ALA A 363 -23.55 -7.26 5.94
N ALA A 364 -23.70 -7.29 4.62
CA ALA A 364 -23.12 -8.36 3.83
C ALA A 364 -21.60 -8.41 4.02
N ALA A 365 -20.96 -7.24 3.99
CA ALA A 365 -19.50 -7.18 4.09
C ALA A 365 -19.01 -7.78 5.41
N GLN A 366 -19.72 -7.51 6.50
CA GLN A 366 -19.29 -8.06 7.78
C GLN A 366 -19.53 -9.56 7.86
N THR A 367 -20.60 -10.05 7.24
CA THR A 367 -20.83 -11.48 7.17
C THR A 367 -19.74 -12.17 6.35
N ASN A 368 -19.48 -11.65 5.14
CA ASN A 368 -18.50 -12.28 4.27
C ASN A 368 -17.09 -12.22 4.86
N ALA A 369 -16.75 -11.08 5.46
CA ALA A 369 -15.40 -10.93 6.02
C ALA A 369 -15.18 -11.85 7.21
N ALA A 370 -16.15 -11.90 8.13
CA ALA A 370 -16.01 -12.77 9.28
C ALA A 370 -15.93 -14.24 8.88
N ALA A 371 -16.74 -14.65 7.90
CA ALA A 371 -16.74 -16.04 7.47
C ALA A 371 -15.44 -16.41 6.77
N MET A 372 -14.98 -15.56 5.84
CA MET A 372 -13.74 -15.84 5.12
C MET A 372 -12.53 -15.81 6.04
N ALA A 373 -12.54 -14.95 7.06
CA ALA A 373 -11.42 -14.92 8.00
C ALA A 373 -11.31 -16.24 8.76
N SER A 374 -12.44 -16.86 9.07
CA SER A 374 -12.50 -18.08 9.88
C SER A 374 -12.33 -19.34 9.04
N LEU A 375 -11.76 -19.24 7.85
CA LEU A 375 -11.83 -20.36 6.92
C LEU A 375 -10.48 -20.60 6.26
N PRO A 376 -10.09 -21.87 6.08
CA PRO A 376 -8.86 -22.15 5.36
C PRO A 376 -9.05 -21.96 3.87
N PRO A 377 -8.15 -21.23 3.21
CA PRO A 377 -8.22 -21.02 1.76
C PRO A 377 -7.86 -22.28 0.96
N PRO A 381 -9.64 -15.37 -4.21
CA PRO A 381 -10.74 -14.47 -4.61
C PRO A 381 -10.48 -13.80 -5.94
N ASP A 382 -9.68 -12.73 -5.93
CA ASP A 382 -9.40 -11.95 -7.12
C ASP A 382 -8.15 -12.47 -7.84
N LEU A 383 -7.90 -11.91 -9.02
CA LEU A 383 -6.74 -12.24 -9.82
C LEU A 383 -5.56 -11.38 -9.41
N THR A 384 -4.37 -11.97 -9.38
CA THR A 384 -3.24 -11.24 -8.84
C THR A 384 -2.19 -10.97 -9.92
N PRO A 385 -1.47 -9.84 -9.82
CA PRO A 385 -0.46 -9.54 -10.83
C PRO A 385 0.67 -10.54 -10.90
N GLY A 386 0.86 -11.36 -9.86
CA GLY A 386 1.83 -12.43 -9.94
C GLY A 386 1.42 -13.50 -10.95
N ALA A 387 0.13 -13.85 -10.97
CA ALA A 387 -0.37 -14.86 -11.89
C ALA A 387 -0.35 -14.41 -13.34
N VAL A 388 -0.06 -13.13 -13.61
CA VAL A 388 -0.10 -12.60 -14.96
C VAL A 388 1.31 -12.36 -15.47
N ALA A 389 2.25 -12.14 -14.55
CA ALA A 389 3.61 -11.76 -14.94
C ALA A 389 4.26 -12.86 -15.77
N GLY A 390 4.84 -12.46 -16.90
CA GLY A 390 5.51 -13.41 -17.78
C GLY A 390 5.34 -13.10 -19.26
N VAL A 391 5.41 -14.14 -20.08
CA VAL A 391 5.26 -14.02 -21.53
C VAL A 391 4.23 -15.05 -21.98
N TRP A 392 3.41 -14.68 -22.96
CA TRP A 392 2.23 -15.46 -23.30
C TRP A 392 2.15 -15.70 -24.81
N ASN A 393 1.92 -16.96 -25.19
CA ASN A 393 1.45 -17.26 -26.53
C ASN A 393 0.01 -16.76 -26.67
N ALA A 394 -0.31 -16.19 -27.82
CA ALA A 394 -1.61 -15.57 -28.05
C ALA A 394 -2.21 -16.10 -29.34
N SER A 395 -3.17 -17.01 -29.21
CA SER A 395 -3.93 -17.48 -30.37
C SER A 395 -5.12 -16.55 -30.61
N LEU A 396 -5.46 -16.35 -31.89
CA LEU A 396 -6.57 -15.47 -32.23
C LEU A 396 -7.44 -16.10 -33.30
N GLY A 397 -7.08 -15.93 -34.57
CA GLY A 397 -7.73 -16.69 -35.62
C GLY A 397 -6.88 -17.90 -35.93
N GLY A 398 -6.55 -18.12 -37.20
CA GLY A 398 -5.39 -18.93 -37.50
C GLY A 398 -4.09 -18.24 -37.15
N GLN A 399 -4.15 -16.95 -36.85
CA GLN A 399 -2.99 -16.19 -36.41
C GLN A 399 -2.62 -16.55 -34.97
N SER A 400 -1.43 -16.13 -34.58
CA SER A 400 -0.87 -16.41 -33.27
C SER A 400 0.33 -15.50 -33.09
N CYS A 401 0.74 -15.29 -31.85
CA CYS A 401 1.88 -14.42 -31.56
C CYS A 401 2.17 -14.47 -30.07
N LYS A 402 3.03 -13.57 -29.62
CA LYS A 402 3.44 -13.50 -28.22
C LYS A 402 3.29 -12.08 -27.71
N ILE A 403 2.97 -11.98 -26.42
CA ILE A 403 2.92 -10.70 -25.71
C ILE A 403 3.71 -10.83 -24.43
N ALA A 404 4.22 -9.70 -23.94
CA ALA A 404 4.93 -9.65 -22.68
C ALA A 404 4.14 -8.82 -21.68
N THR A 405 4.02 -9.34 -20.47
CA THR A 405 3.31 -8.66 -19.38
C THR A 405 4.16 -8.72 -18.12
N PRO A 406 5.28 -8.01 -18.08
CA PRO A 406 6.10 -7.99 -16.87
C PRO A 406 5.40 -7.24 -15.75
N GLN A 407 5.68 -7.66 -14.52
CA GLN A 407 5.20 -6.92 -13.35
C GLN A 407 6.09 -5.71 -13.14
N THR A 408 6.30 -4.92 -14.20
CA THR A 408 7.05 -3.68 -14.14
C THR A 408 6.03 -2.54 -14.09
N LYS A 409 5.98 -1.85 -12.95
CA LYS A 409 4.95 -0.85 -12.73
C LYS A 409 5.01 0.24 -13.80
N TYR A 410 3.85 0.80 -14.12
CA TYR A 410 3.72 1.82 -15.14
C TYR A 410 2.35 2.46 -15.05
N GLY A 411 2.27 3.66 -14.46
CA GLY A 411 0.97 4.18 -14.08
C GLY A 411 0.41 3.39 -12.92
N GLN A 412 -0.91 3.23 -12.90
CA GLN A 412 -1.54 2.33 -11.96
C GLN A 412 -1.64 0.91 -12.51
N GLY A 413 -0.93 0.62 -13.60
CA GLY A 413 -0.87 -0.70 -14.20
C GLY A 413 0.58 -1.14 -14.36
N TYR A 414 0.85 -1.86 -15.44
CA TYR A 414 2.17 -2.41 -15.70
C TYR A 414 2.49 -2.33 -17.18
N ARG A 415 3.79 -2.22 -17.49
CA ARG A 415 4.22 -2.22 -18.88
C ARG A 415 3.83 -3.53 -19.56
N ALA A 416 3.47 -3.44 -20.84
CA ALA A 416 3.17 -4.60 -21.65
C ALA A 416 3.67 -4.36 -23.07
N GLY A 417 3.93 -5.45 -23.79
CA GLY A 417 4.49 -5.35 -25.11
C GLY A 417 4.13 -6.47 -26.06
N PRO A 418 3.69 -6.11 -27.26
CA PRO A 418 3.41 -7.11 -28.29
C PRO A 418 4.65 -7.50 -29.08
N LEU A 419 4.66 -8.76 -29.52
CA LEU A 419 5.76 -9.33 -30.29
C LEU A 419 5.22 -9.94 -31.61
N ARG A 420 5.34 -9.19 -32.72
CA ARG A 420 4.66 -9.46 -34.01
C ARG A 420 3.26 -10.01 -33.85
N CYS A 421 2.40 -9.16 -33.40
CA CYS A 421 1.03 -9.50 -33.17
C CYS A 421 0.14 -8.78 -34.17
N PRO A 422 -0.71 -9.50 -34.91
CA PRO A 422 -1.60 -8.84 -35.87
C PRO A 422 -2.78 -8.21 -35.13
N GLY A 423 -3.65 -7.57 -35.90
CA GLY A 423 -4.88 -7.03 -35.37
C GLY A 423 -4.64 -6.02 -34.26
N GLU A 424 -5.59 -6.00 -33.32
CA GLU A 424 -5.59 -4.97 -32.28
C GLU A 424 -4.54 -5.19 -31.21
N LEU A 425 -3.97 -6.40 -31.12
CA LEU A 425 -2.92 -6.65 -30.14
C LEU A 425 -1.63 -5.88 -30.44
N ALA A 426 -1.46 -5.42 -31.68
CA ALA A 426 -0.28 -4.65 -32.04
C ALA A 426 -0.20 -3.32 -31.30
N ASN A 427 -1.26 -2.91 -30.61
CA ASN A 427 -1.29 -1.66 -29.86
C ASN A 427 -1.10 -1.88 -28.37
N LEU A 428 -0.75 -3.09 -27.95
CA LEU A 428 -0.57 -3.37 -26.52
C LEU A 428 0.52 -2.47 -25.94
N ALA A 429 0.21 -1.84 -24.81
CA ALA A 429 1.19 -0.99 -24.12
C ALA A 429 1.20 -1.15 -22.61
N SER A 430 0.10 -1.55 -21.98
CA SER A 430 0.06 -1.72 -20.55
C SER A 430 -0.96 -2.80 -20.20
N TRP A 431 -0.94 -3.23 -18.95
CA TRP A 431 -1.89 -4.24 -18.49
C TRP A 431 -2.16 -4.04 -17.00
N ALA A 432 -3.29 -4.60 -16.55
CA ALA A 432 -3.72 -4.48 -15.17
C ALA A 432 -4.71 -5.60 -14.88
N VAL A 433 -5.07 -5.74 -13.61
CA VAL A 433 -6.03 -6.75 -13.19
C VAL A 433 -7.18 -6.07 -12.47
N ASN A 434 -8.38 -6.63 -12.66
CA ASN A 434 -9.63 -6.08 -12.12
C ASN A 434 -10.40 -7.26 -11.53
N GLY A 435 -10.15 -7.56 -10.26
CA GLY A 435 -10.80 -8.69 -9.62
C GLY A 435 -10.46 -10.01 -10.29
N LYS A 436 -11.34 -10.52 -11.14
CA LYS A 436 -11.11 -11.78 -11.84
C LYS A 436 -10.65 -11.57 -13.28
N GLN A 437 -10.48 -10.33 -13.71
CA GLN A 437 -10.34 -9.98 -15.11
C GLN A 437 -8.97 -9.39 -15.39
N LEU A 438 -8.32 -9.86 -16.45
CA LEU A 438 -7.10 -9.24 -16.96
C LEU A 438 -7.47 -8.31 -18.11
N VAL A 439 -6.98 -7.09 -18.07
CA VAL A 439 -7.32 -6.07 -19.05
C VAL A 439 -6.05 -5.60 -19.73
N LEU A 440 -6.08 -5.54 -21.07
CA LEU A 440 -4.98 -5.05 -21.87
C LEU A 440 -5.32 -3.67 -22.40
N TYR A 441 -4.33 -2.77 -22.40
CA TYR A 441 -4.58 -1.36 -22.67
C TYR A 441 -3.77 -0.85 -23.84
N ASP A 442 -4.32 0.17 -24.48
CA ASP A 442 -3.65 1.02 -25.47
C ASP A 442 -2.44 1.72 -24.89
N ALA A 443 -1.72 2.46 -25.73
CA ALA A 443 -0.84 3.50 -25.24
C ALA A 443 -1.60 4.76 -24.84
N ASN A 444 -2.90 4.81 -25.15
CA ASN A 444 -3.77 5.92 -24.79
C ASN A 444 -4.72 5.58 -23.65
N GLY A 445 -4.48 4.48 -22.95
CA GLY A 445 -5.37 4.04 -21.90
C GLY A 445 -6.62 3.32 -22.37
N GLY A 446 -6.87 3.28 -23.68
CA GLY A 446 -8.00 2.53 -24.19
C GLY A 446 -7.87 1.05 -23.92
N THR A 447 -9.02 0.38 -23.89
CA THR A 447 -9.07 -1.05 -23.58
C THR A 447 -8.97 -1.84 -24.89
N VAL A 448 -7.95 -2.69 -24.97
CA VAL A 448 -7.77 -3.54 -26.15
C VAL A 448 -8.42 -4.90 -25.97
N ALA A 449 -8.34 -5.48 -24.78
CA ALA A 449 -8.85 -6.83 -24.57
C ALA A 449 -9.26 -7.00 -23.11
N SER A 450 -10.10 -8.01 -22.88
CA SER A 450 -10.53 -8.41 -21.55
C SER A 450 -10.51 -9.92 -21.49
N LEU A 451 -9.83 -10.47 -20.48
CA LEU A 451 -9.66 -11.90 -20.38
C LEU A 451 -9.84 -12.35 -18.94
N TYR A 452 -10.12 -13.64 -18.79
CA TYR A 452 -10.30 -14.25 -17.48
C TYR A 452 -9.46 -15.50 -17.40
N SER A 453 -8.89 -15.76 -16.22
CA SER A 453 -8.16 -16.99 -16.00
C SER A 453 -9.09 -18.17 -16.22
N SER A 454 -8.74 -19.02 -17.18
CA SER A 454 -9.52 -20.21 -17.49
C SER A 454 -8.81 -21.49 -17.07
N GLY A 455 -7.77 -21.38 -16.28
CA GLY A 455 -7.05 -22.55 -15.81
C GLY A 455 -5.59 -22.20 -15.52
N GLN A 456 -4.86 -23.23 -15.13
CA GLN A 456 -3.43 -23.14 -14.84
C GLN A 456 -2.68 -22.52 -16.01
N GLY A 457 -2.17 -21.30 -15.82
CA GLY A 457 -1.39 -20.63 -16.85
C GLY A 457 -2.12 -20.46 -18.17
N ARG A 458 -3.40 -20.09 -18.12
CA ARG A 458 -4.20 -19.96 -19.32
C ARG A 458 -5.24 -18.87 -19.14
N PHE A 459 -5.40 -18.04 -20.17
CA PHE A 459 -6.37 -16.96 -20.16
C PHE A 459 -7.22 -17.05 -21.41
N ASP A 460 -8.49 -16.68 -21.27
CA ASP A 460 -9.41 -16.63 -22.39
C ASP A 460 -10.23 -15.34 -22.30
N GLY A 461 -10.59 -14.83 -23.46
CA GLY A 461 -11.35 -13.59 -23.52
C GLY A 461 -11.55 -13.17 -24.96
N GLN A 462 -11.69 -11.86 -25.15
CA GLN A 462 -11.89 -11.34 -26.49
C GLN A 462 -11.35 -9.93 -26.55
N THR A 463 -10.95 -9.52 -27.74
CA THR A 463 -10.55 -8.15 -27.94
C THR A 463 -11.73 -7.21 -27.73
N THR A 464 -11.42 -5.92 -27.70
CA THR A 464 -12.47 -4.91 -27.63
C THR A 464 -13.29 -4.84 -28.92
N GLY A 465 -12.91 -5.62 -29.95
CA GLY A 465 -13.59 -5.60 -31.22
C GLY A 465 -14.10 -6.94 -31.72
N GLY A 466 -14.23 -7.94 -30.83
CA GLY A 466 -14.95 -9.17 -31.11
C GLY A 466 -14.07 -10.39 -31.31
N GLN A 467 -12.87 -10.21 -31.86
CA GLN A 467 -11.98 -11.33 -32.14
C GLN A 467 -11.62 -12.09 -30.87
N ALA A 468 -11.62 -13.42 -30.97
CA ALA A 468 -11.29 -14.27 -29.83
C ALA A 468 -9.81 -14.16 -29.49
N VAL A 469 -9.50 -14.25 -28.19
CA VAL A 469 -8.13 -14.23 -27.71
C VAL A 469 -7.95 -15.35 -26.69
N THR A 470 -6.88 -16.12 -26.83
CA THR A 470 -6.49 -17.12 -25.84
C THR A 470 -5.02 -16.95 -25.53
N LEU A 471 -4.69 -16.83 -24.24
CA LEU A 471 -3.32 -16.66 -23.78
C LEU A 471 -2.83 -17.95 -23.15
N SER A 472 -1.67 -18.44 -23.62
CA SER A 472 -1.05 -19.63 -23.07
C SER A 472 0.40 -19.30 -22.71
N ARG A 473 0.84 -19.76 -21.54
CA ARG A 473 2.13 -19.36 -20.99
C ARG A 473 3.29 -20.01 -21.73
N LEU A 474 4.35 -19.23 -21.93
CA LEU A 474 5.65 -19.80 -22.29
C LEU A 474 6.36 -20.29 -21.04
N GLU A 475 6.83 -21.53 -21.06
CA GLU A 475 7.74 -21.98 -20.02
C GLU A 475 8.46 -23.23 -20.49
N HIS A 476 9.70 -23.39 -20.02
CA HIS A 476 10.63 -24.39 -20.52
C HIS A 476 11.01 -25.35 -19.39
N HIS A 477 11.84 -26.34 -19.75
CA HIS A 477 12.38 -27.32 -18.82
C HIS A 477 13.89 -27.43 -19.02
N HIS A 478 14.58 -27.82 -17.95
CA HIS A 478 16.04 -27.94 -18.00
C HIS A 478 16.46 -29.12 -18.87
#